data_3V04
#
_entry.id   3V04
#
_cell.length_a   82.113
_cell.length_b   82.113
_cell.length_c   129.303
_cell.angle_alpha   90.00
_cell.angle_beta   90.00
_cell.angle_gamma   120.00
#
_symmetry.space_group_name_H-M   'P 62'
#
loop_
_entity.id
_entity.type
_entity.pdbx_description
1 polymer 'Dual specificity mitogen-activated protein kinase kinase 1'
2 non-polymer 4-[(2-fluoro-4-iodophenyl)amino]-N-(2-hydroxyethoxy)-1H-indazole-5-carboxamide
3 non-polymer "ADENOSINE-5'-TRIPHOSPHATE"
4 non-polymer 'MAGNESIUM ION'
#
_entity_poly.entity_id   1
_entity_poly.type   'polypeptide(L)'
_entity_poly.pdbx_seq_one_letter_code
;MELKDDDFEKISELGAGNGGVVFKVSHKPSGLVMARKLIHLEIKPAIRNQIIRELQVLHECNSPYIVGFYGAFYSDGEIS
ICMEHMDGGSLDQVLKKAGRIPEQILGKVSIAVIKGLTYLREKHKIMHRDVKPSNILVNSRGEIKLCDFGVSGQLIDSMA
NSFVGTRSYMSPERLQGTHYSVQSDIWSMGLSLVEMAVGRYPIPPPDAKELELMFGCQVEGDAAETPPRPRTPGRPLSSY
GMDSRPPMAIFELLDYIVNEPPPKLPSGVFSLEFQDFVNKCLIKNPAERADLKQLMVHAFIKRSDAEEVDFAGWLCSTIG
LNQPSTPTHAAGVLEHHHHHH
;
_entity_poly.pdbx_strand_id   A
#
loop_
_chem_comp.id
_chem_comp.type
_chem_comp.name
_chem_comp.formula
ATP non-polymer ADENOSINE-5'-TRIPHOSPHATE 'C10 H16 N5 O13 P3'
MG non-polymer 'MAGNESIUM ION' 'Mg 2'
V04 non-polymer 4-[(2-fluoro-4-iodophenyl)amino]-N-(2-hydroxyethoxy)-1H-indazole-5-carboxamide 'C16 H14 F I N4 O3'
#
# COMPACT_ATOMS: atom_id res chain seq x y z
N MET A 1 15.91 15.06 17.33
CA MET A 1 16.38 16.24 16.56
C MET A 1 15.29 16.72 15.62
N GLU A 2 15.25 18.04 15.40
CA GLU A 2 14.28 18.64 14.49
C GLU A 2 14.82 18.60 13.06
N LEU A 3 13.95 18.31 12.10
CA LEU A 3 14.32 18.26 10.69
C LEU A 3 14.01 19.59 9.98
N LYS A 4 14.86 19.93 9.01
CA LYS A 4 14.84 21.24 8.36
C LYS A 4 15.45 21.15 6.95
N ASP A 5 14.97 22.00 6.03
CA ASP A 5 15.27 21.88 4.59
C ASP A 5 16.75 21.93 4.20
N ASP A 6 17.51 22.82 4.82
CA ASP A 6 18.92 23.02 4.44
C ASP A 6 19.88 21.95 5.00
N ASP A 7 19.38 21.12 5.91
CA ASP A 7 20.15 19.99 6.44
C ASP A 7 20.17 18.78 5.52
N PHE A 8 19.53 18.87 4.35
CA PHE A 8 19.41 17.73 3.44
C PHE A 8 20.23 17.91 2.16
N GLU A 9 20.40 16.79 1.46
CA GLU A 9 21.15 16.73 0.21
C GLU A 9 20.62 15.58 -0.64
N LYS A 10 20.14 15.88 -1.85
CA LYS A 10 19.55 14.86 -2.72
C LYS A 10 20.61 13.88 -3.22
N ILE A 11 20.35 12.59 -3.02
CA ILE A 11 21.17 11.52 -3.58
C ILE A 11 20.61 11.12 -4.95
N SER A 12 19.37 10.65 -4.97
CA SER A 12 18.67 10.28 -6.21
C SER A 12 17.17 10.55 -6.09
N GLU A 13 16.41 10.20 -7.14
CA GLU A 13 14.96 10.25 -7.09
C GLU A 13 14.39 8.83 -7.05
N LEU A 14 13.68 8.52 -5.97
CA LEU A 14 13.09 7.19 -5.78
C LEU A 14 11.82 6.98 -6.59
N GLY A 15 11.21 8.06 -7.04
CA GLY A 15 10.03 7.96 -7.87
C GLY A 15 9.06 9.10 -7.66
N ALA A 16 7.96 9.03 -8.40
CA ALA A 16 6.92 10.05 -8.34
C ALA A 16 5.55 9.41 -8.40
N GLY A 17 4.54 10.17 -7.99
CA GLY A 17 3.20 9.65 -7.98
C GLY A 17 2.19 10.65 -7.49
N ASN A 18 1.65 11.44 -8.42
CA ASN A 18 0.34 12.06 -8.25
C ASN A 18 0.20 12.85 -6.93
N GLY A 19 0.73 14.06 -6.94
CA GLY A 19 1.00 14.80 -5.73
C GLY A 19 2.51 14.88 -5.61
N GLY A 20 3.07 14.16 -4.64
CA GLY A 20 4.49 14.25 -4.34
C GLY A 20 5.45 13.48 -5.21
N VAL A 21 6.71 13.90 -5.18
CA VAL A 21 7.85 13.07 -5.59
C VAL A 21 8.60 12.73 -4.32
N VAL A 22 9.22 11.56 -4.28
CA VAL A 22 10.04 11.19 -3.14
C VAL A 22 11.50 11.03 -3.58
N PHE A 23 12.41 11.54 -2.76
CA PHE A 23 13.84 11.51 -3.02
C PHE A 23 14.53 10.63 -2.00
N LYS A 24 15.59 9.95 -2.42
CA LYS A 24 16.54 9.35 -1.50
C LYS A 24 17.46 10.48 -1.10
N VAL A 25 17.48 10.82 0.19
CA VAL A 25 18.29 11.95 0.66
C VAL A 25 19.20 11.56 1.81
N SER A 26 20.19 12.41 2.05
CA SER A 26 21.10 12.28 3.18
C SER A 26 20.82 13.43 4.14
N HIS A 27 20.44 13.09 5.37
CA HIS A 27 20.32 14.05 6.44
C HIS A 27 21.72 14.30 6.97
N LYS A 28 22.32 15.41 6.55
CA LYS A 28 23.72 15.71 6.84
C LYS A 28 24.12 15.65 8.33
N PRO A 29 23.33 16.22 9.24
CA PRO A 29 23.69 16.22 10.67
C PRO A 29 23.70 14.84 11.34
N SER A 30 22.81 13.93 10.91
CA SER A 30 22.74 12.58 11.46
C SER A 30 23.54 11.55 10.66
N GLY A 31 23.72 11.81 9.37
CA GLY A 31 24.33 10.86 8.44
C GLY A 31 23.38 9.84 7.85
N LEU A 32 22.12 9.85 8.29
CA LEU A 32 21.15 8.84 7.89
C LEU A 32 20.68 9.01 6.47
N VAL A 33 20.47 7.90 5.78
CA VAL A 33 19.78 7.93 4.50
C VAL A 33 18.29 7.78 4.79
N MET A 34 17.50 8.67 4.18
CA MET A 34 16.05 8.67 4.36
C MET A 34 15.35 8.81 3.01
N ALA A 35 14.04 8.66 3.05
CA ALA A 35 13.18 8.91 1.90
C ALA A 35 12.39 10.16 2.25
N ARG A 36 12.60 11.22 1.47
CA ARG A 36 11.93 12.47 1.70
C ARG A 36 10.82 12.67 0.67
N LYS A 37 9.58 12.47 1.09
CA LYS A 37 8.42 12.77 0.26
C LYS A 37 8.07 14.25 0.32
N LEU A 38 8.09 14.91 -0.83
CA LEU A 38 7.64 16.31 -0.95
C LEU A 38 6.24 16.36 -1.54
N ILE A 39 5.34 17.11 -0.93
CA ILE A 39 3.98 17.29 -1.45
C ILE A 39 3.69 18.76 -1.65
N HIS A 40 3.55 19.17 -2.91
CA HIS A 40 3.25 20.56 -3.25
C HIS A 40 1.82 20.92 -2.84
N LEU A 41 1.69 21.88 -1.94
CA LEU A 41 0.38 22.38 -1.51
C LEU A 41 0.38 23.90 -1.50
N GLU A 42 -0.41 24.48 -2.41
CA GLU A 42 -0.67 25.91 -2.41
C GLU A 42 -1.74 26.16 -1.34
N ILE A 43 -1.29 26.34 -0.10
CA ILE A 43 -2.16 26.27 1.07
C ILE A 43 -1.78 27.32 2.12
N LYS A 44 -2.79 27.83 2.83
CA LYS A 44 -2.59 28.91 3.81
C LYS A 44 -1.73 28.46 4.99
N PRO A 45 -1.04 29.41 5.63
CA PRO A 45 -0.06 29.07 6.67
C PRO A 45 -0.64 28.58 8.00
N ALA A 46 -1.94 28.75 8.22
CA ALA A 46 -2.56 28.30 9.47
C ALA A 46 -2.74 26.79 9.48
N ILE A 47 -3.29 26.28 8.38
CA ILE A 47 -3.64 24.86 8.29
C ILE A 47 -2.47 23.97 7.90
N ARG A 48 -1.39 24.54 7.37
CA ARG A 48 -0.16 23.78 7.14
C ARG A 48 0.65 23.60 8.44
N ASN A 49 0.31 24.35 9.48
CA ASN A 49 0.81 24.07 10.83
C ASN A 49 0.02 22.96 11.51
N GLN A 50 -1.24 22.80 11.11
CA GLN A 50 -2.09 21.73 11.65
C GLN A 50 -1.70 20.39 11.06
N ILE A 51 -1.28 20.39 9.80
CA ILE A 51 -0.87 19.17 9.10
C ILE A 51 0.37 18.59 9.76
N ILE A 52 1.33 19.47 10.06
CA ILE A 52 2.56 19.08 10.74
C ILE A 52 2.24 18.60 12.16
N ARG A 53 1.31 19.27 12.82
CA ARG A 53 0.93 18.94 14.20
C ARG A 53 0.29 17.55 14.28
N GLU A 54 -0.45 17.20 13.23
CA GLU A 54 -1.18 15.94 13.18
C GLU A 54 -0.31 14.81 12.65
N LEU A 55 0.76 15.16 11.93
CA LEU A 55 1.72 14.17 11.44
C LEU A 55 2.66 13.72 12.56
N GLN A 56 2.70 14.47 13.66
CA GLN A 56 3.54 14.12 14.80
C GLN A 56 3.15 12.80 15.46
N VAL A 57 1.96 12.29 15.18
CA VAL A 57 1.54 11.00 15.73
C VAL A 57 2.33 9.84 15.10
N LEU A 58 2.92 10.08 13.93
CA LEU A 58 3.79 9.10 13.28
C LEU A 58 5.06 8.77 14.09
N HIS A 59 5.42 9.62 15.05
CA HIS A 59 6.51 9.30 15.99
C HIS A 59 6.14 8.15 16.94
N GLU A 60 4.84 7.99 17.24
CA GLU A 60 4.34 6.87 18.02
C GLU A 60 3.84 5.69 17.16
N CYS A 61 4.02 5.77 15.84
CA CYS A 61 3.63 4.68 14.94
C CYS A 61 4.80 3.74 14.69
N ASN A 62 5.16 3.02 15.75
CA ASN A 62 6.27 2.08 15.72
C ASN A 62 5.76 0.65 15.60
N SER A 63 6.12 0.01 14.50
CA SER A 63 5.67 -1.35 14.21
C SER A 63 6.58 -1.94 13.13
N PRO A 64 6.86 -3.24 13.20
CA PRO A 64 7.64 -3.90 12.13
C PRO A 64 6.92 -3.88 10.78
N TYR A 65 5.61 -3.67 10.78
CA TYR A 65 4.82 -3.65 9.56
C TYR A 65 4.38 -2.23 9.16
N ILE A 66 5.03 -1.21 9.71
CA ILE A 66 4.76 0.19 9.37
C ILE A 66 6.07 0.93 9.14
N VAL A 67 6.15 1.65 8.03
CA VAL A 67 7.33 2.44 7.67
C VAL A 67 7.64 3.49 8.73
N GLY A 68 8.91 3.55 9.14
CA GLY A 68 9.34 4.40 10.22
C GLY A 68 9.28 5.87 9.87
N PHE A 69 9.12 6.72 10.89
CA PHE A 69 8.98 8.16 10.70
C PHE A 69 10.13 8.87 11.41
N TYR A 70 10.68 9.87 10.74
CA TYR A 70 11.78 10.67 11.27
C TYR A 70 11.31 12.05 11.69
N GLY A 71 10.49 12.67 10.84
CA GLY A 71 9.94 14.00 11.15
C GLY A 71 9.26 14.65 9.97
N ALA A 72 8.54 15.74 10.26
CA ALA A 72 7.85 16.49 9.21
C ALA A 72 8.01 18.00 9.41
N PHE A 73 8.06 18.72 8.30
CA PHE A 73 8.16 20.18 8.30
C PHE A 73 7.62 20.80 7.01
N TYR A 74 7.53 22.14 6.99
CA TYR A 74 7.09 22.86 5.80
C TYR A 74 8.26 23.69 5.26
N SER A 75 8.52 23.57 3.97
CA SER A 75 9.62 24.26 3.31
C SER A 75 9.06 25.45 2.52
N ASP A 76 9.28 25.48 1.20
CA ASP A 76 8.85 26.61 0.38
C ASP A 76 7.78 26.14 -0.60
N GLY A 77 6.54 26.12 -0.12
CA GLY A 77 5.40 25.68 -0.91
C GLY A 77 5.13 24.19 -0.85
N GLU A 78 5.89 23.44 -0.05
CA GLU A 78 5.74 21.98 0.06
C GLU A 78 5.88 21.49 1.49
N ILE A 79 5.08 20.49 1.89
CA ILE A 79 5.26 19.81 3.17
C ILE A 79 6.12 18.56 2.97
N SER A 80 7.16 18.42 3.78
CA SER A 80 8.07 17.28 3.71
C SER A 80 7.75 16.25 4.77
N ILE A 81 7.61 15.00 4.33
CA ILE A 81 7.54 13.87 5.25
C ILE A 81 8.80 13.05 5.04
N CYS A 82 9.52 12.82 6.13
CA CYS A 82 10.79 12.13 6.13
C CYS A 82 10.65 10.77 6.80
N MET A 83 10.98 9.71 6.07
CA MET A 83 10.74 8.35 6.53
C MET A 83 11.90 7.41 6.23
N GLU A 84 11.82 6.21 6.78
CA GLU A 84 12.74 5.14 6.48
C GLU A 84 12.85 4.92 4.97
N HIS A 85 14.09 4.88 4.49
CA HIS A 85 14.34 4.46 3.12
C HIS A 85 14.19 2.95 3.05
N MET A 86 13.33 2.47 2.16
CA MET A 86 13.14 1.03 1.94
C MET A 86 13.82 0.69 0.62
N ASP A 87 14.95 -0.02 0.73
CA ASP A 87 15.83 -0.23 -0.42
C ASP A 87 15.31 -1.22 -1.47
N GLY A 88 14.25 -1.95 -1.15
CA GLY A 88 13.59 -2.84 -2.09
C GLY A 88 12.48 -2.17 -2.87
N GLY A 89 12.00 -1.03 -2.38
CA GLY A 89 10.98 -0.25 -3.07
C GLY A 89 9.58 -0.74 -2.77
N SER A 90 8.64 -0.36 -3.62
CA SER A 90 7.25 -0.73 -3.43
C SER A 90 6.93 -1.99 -4.20
N LEU A 91 5.84 -2.65 -3.84
CA LEU A 91 5.47 -3.92 -4.43
C LEU A 91 4.98 -3.79 -5.86
N ASP A 92 4.60 -2.59 -6.28
CA ASP A 92 4.25 -2.38 -7.69
C ASP A 92 5.52 -2.40 -8.55
N GLN A 93 6.63 -1.92 -7.98
CA GLN A 93 7.95 -1.98 -8.64
C GLN A 93 8.48 -3.40 -8.76
N VAL A 94 8.35 -4.19 -7.70
CA VAL A 94 8.86 -5.56 -7.71
C VAL A 94 7.97 -6.46 -8.57
N LEU A 95 6.73 -6.05 -8.79
CA LEU A 95 5.82 -6.80 -9.65
C LEU A 95 6.18 -6.63 -11.11
N LYS A 96 6.65 -5.45 -11.50
CA LYS A 96 7.10 -5.18 -12.85
C LYS A 96 8.25 -6.12 -13.22
N LYS A 97 9.23 -6.23 -12.32
CA LYS A 97 10.42 -7.06 -12.57
C LYS A 97 10.13 -8.56 -12.42
N ALA A 98 9.23 -8.91 -11.50
CA ALA A 98 8.99 -10.31 -11.14
C ALA A 98 8.02 -11.01 -12.10
N GLY A 99 7.19 -10.23 -12.79
CA GLY A 99 6.11 -10.78 -13.60
C GLY A 99 4.91 -11.12 -12.74
N ARG A 100 5.04 -12.16 -11.93
CA ARG A 100 4.10 -12.47 -10.85
C ARG A 100 4.84 -12.58 -9.54
N ILE A 101 4.09 -12.45 -8.45
CA ILE A 101 4.61 -12.75 -7.11
C ILE A 101 4.03 -14.10 -6.70
N PRO A 102 4.91 -15.07 -6.38
CA PRO A 102 4.45 -16.39 -5.94
C PRO A 102 3.44 -16.33 -4.80
N GLU A 103 2.57 -17.34 -4.73
CA GLU A 103 1.53 -17.40 -3.71
C GLU A 103 2.09 -17.43 -2.29
N GLN A 104 3.20 -18.15 -2.09
CA GLN A 104 3.81 -18.26 -0.76
C GLN A 104 4.37 -16.92 -0.30
N ILE A 105 4.88 -16.14 -1.24
CA ILE A 105 5.38 -14.80 -0.97
C ILE A 105 4.23 -13.86 -0.60
N LEU A 106 3.11 -13.98 -1.30
CA LEU A 106 1.92 -13.18 -1.01
C LEU A 106 1.27 -13.57 0.31
N GLY A 107 1.63 -14.74 0.83
CA GLY A 107 1.22 -15.12 2.16
C GLY A 107 1.90 -14.24 3.18
N LYS A 108 3.19 -14.02 2.99
CA LYS A 108 3.96 -13.19 3.91
C LYS A 108 3.53 -11.73 3.82
N VAL A 109 3.13 -11.30 2.62
CA VAL A 109 2.67 -9.93 2.38
C VAL A 109 1.30 -9.70 3.01
N SER A 110 0.43 -10.69 2.87
CA SER A 110 -0.91 -10.60 3.43
C SER A 110 -0.84 -10.46 4.93
N ILE A 111 0.01 -11.29 5.54
CA ILE A 111 0.22 -11.24 6.98
C ILE A 111 0.62 -9.85 7.42
N ALA A 112 1.56 -9.26 6.68
CA ALA A 112 2.10 -7.94 7.00
C ALA A 112 1.06 -6.81 6.87
N VAL A 113 0.18 -6.93 5.89
CA VAL A 113 -0.82 -5.90 5.65
C VAL A 113 -1.90 -5.96 6.73
N ILE A 114 -2.36 -7.18 7.04
CA ILE A 114 -3.34 -7.40 8.10
C ILE A 114 -2.82 -6.87 9.43
N LYS A 115 -1.58 -7.21 9.77
CA LYS A 115 -0.98 -6.83 11.05
C LYS A 115 -0.67 -5.34 11.15
N GLY A 116 -0.49 -4.69 10.00
CA GLY A 116 -0.24 -3.26 9.95
C GLY A 116 -1.52 -2.45 10.06
N LEU A 117 -2.55 -2.88 9.33
CA LEU A 117 -3.88 -2.32 9.47
C LEU A 117 -4.38 -2.49 10.91
N THR A 118 -4.13 -3.67 11.47
CA THR A 118 -4.57 -3.99 12.83
C THR A 118 -3.86 -3.10 13.82
N TYR A 119 -2.57 -2.85 13.59
CA TYR A 119 -1.79 -1.97 14.47
C TYR A 119 -2.35 -0.54 14.42
N LEU A 120 -2.64 -0.05 13.22
CA LEU A 120 -3.13 1.31 13.04
C LEU A 120 -4.52 1.49 13.64
N ARG A 121 -5.33 0.45 13.58
CA ARG A 121 -6.71 0.50 14.06
C ARG A 121 -6.77 0.41 15.59
N GLU A 122 -6.07 -0.57 16.15
CA GLU A 122 -6.14 -0.85 17.58
C GLU A 122 -5.42 0.21 18.41
N LYS A 123 -4.21 0.58 18.00
CA LYS A 123 -3.38 1.51 18.76
C LYS A 123 -3.58 2.99 18.40
N HIS A 124 -4.10 3.29 17.20
CA HIS A 124 -4.23 4.68 16.76
C HIS A 124 -5.58 5.07 16.15
N LYS A 125 -6.53 4.14 16.11
CA LYS A 125 -7.89 4.42 15.62
C LYS A 125 -7.90 5.11 14.25
N ILE A 126 -7.08 4.63 13.33
CA ILE A 126 -7.11 5.13 11.95
C ILE A 126 -7.08 4.03 10.90
N MET A 127 -7.77 4.31 9.79
CA MET A 127 -7.75 3.45 8.63
C MET A 127 -6.74 3.98 7.62
N HIS A 128 -6.17 3.07 6.84
CA HIS A 128 -5.19 3.43 5.82
C HIS A 128 -5.74 4.44 4.81
N ARG A 129 -6.82 4.06 4.14
CA ARG A 129 -7.48 4.84 3.06
C ARG A 129 -6.85 4.71 1.67
N ASP A 130 -5.72 4.02 1.55
CA ASP A 130 -4.98 4.00 0.29
C ASP A 130 -4.06 2.78 0.22
N VAL A 131 -4.66 1.59 0.39
CA VAL A 131 -3.92 0.35 0.29
C VAL A 131 -3.81 -0.03 -1.18
N LYS A 132 -2.57 -0.15 -1.66
CA LYS A 132 -2.28 -0.65 -3.00
C LYS A 132 -0.79 -1.03 -3.09
N PRO A 133 -0.39 -1.77 -4.12
CA PRO A 133 1.00 -2.22 -4.25
C PRO A 133 2.05 -1.14 -4.03
N SER A 134 1.82 0.06 -4.54
CA SER A 134 2.80 1.15 -4.42
C SER A 134 2.99 1.66 -2.99
N ASN A 135 1.99 1.45 -2.13
CA ASN A 135 2.05 1.85 -0.73
C ASN A 135 2.43 0.71 0.22
N ILE A 136 2.79 -0.44 -0.33
CA ILE A 136 3.38 -1.53 0.43
C ILE A 136 4.86 -1.57 0.06
N LEU A 137 5.71 -1.23 1.01
CA LEU A 137 7.15 -1.15 0.78
C LEU A 137 7.89 -2.33 1.40
N VAL A 138 9.00 -2.71 0.79
CA VAL A 138 9.80 -3.84 1.24
C VAL A 138 11.28 -3.47 1.23
N ASN A 139 12.07 -4.13 2.08
CA ASN A 139 13.52 -3.94 2.10
C ASN A 139 14.29 -5.27 2.11
N SER A 140 15.62 -5.18 2.09
CA SER A 140 16.48 -6.34 1.87
C SER A 140 16.70 -7.17 3.14
N ARG A 141 16.28 -6.64 4.29
CA ARG A 141 16.18 -7.42 5.51
C ARG A 141 14.89 -8.26 5.58
N GLY A 142 14.06 -8.15 4.54
CA GLY A 142 12.87 -8.98 4.39
C GLY A 142 11.62 -8.44 5.05
N GLU A 143 11.66 -7.18 5.47
CA GLU A 143 10.52 -6.54 6.13
C GLU A 143 9.52 -6.03 5.11
N ILE A 144 8.22 -6.16 5.43
CA ILE A 144 7.14 -5.65 4.59
C ILE A 144 6.34 -4.65 5.41
N LYS A 145 6.23 -3.41 4.93
CA LYS A 145 5.68 -2.30 5.70
C LYS A 145 4.72 -1.44 4.90
N LEU A 146 3.74 -0.86 5.59
CA LEU A 146 2.76 0.03 4.98
C LEU A 146 3.17 1.47 5.16
N CYS A 147 2.83 2.31 4.20
CA CYS A 147 3.08 3.75 4.29
C CYS A 147 1.88 4.50 3.73
N ASP A 148 1.97 5.82 3.70
CA ASP A 148 0.96 6.65 3.03
C ASP A 148 -0.46 6.38 3.53
N PHE A 149 -0.58 6.11 4.83
CA PHE A 149 -1.87 5.92 5.49
C PHE A 149 -2.30 7.27 6.05
N GLY A 150 -3.59 7.40 6.39
CA GLY A 150 -4.18 8.69 6.68
C GLY A 150 -4.16 9.08 8.14
N VAL A 151 -2.99 9.49 8.64
CA VAL A 151 -2.89 9.94 10.04
C VAL A 151 -3.52 11.31 10.21
N SER A 152 -2.89 12.33 9.64
CA SER A 152 -3.44 13.68 9.68
C SER A 152 -4.67 13.74 8.81
N GLY A 153 -5.81 14.07 9.43
CA GLY A 153 -7.04 14.28 8.71
C GLY A 153 -6.94 15.44 7.74
N GLN A 154 -6.31 16.52 8.18
CA GLN A 154 -6.23 17.74 7.39
C GLN A 154 -5.47 17.53 6.08
N LEU A 155 -4.52 16.61 6.07
CA LEU A 155 -3.69 16.40 4.89
C LEU A 155 -4.52 15.76 3.78
N ILE A 156 -5.36 14.80 4.14
CA ILE A 156 -6.31 14.21 3.20
C ILE A 156 -7.11 15.30 2.48
N ASP A 157 -7.69 16.22 3.25
CA ASP A 157 -8.55 17.28 2.72
C ASP A 157 -7.84 18.17 1.70
N SER A 158 -6.57 18.49 1.96
CA SER A 158 -5.83 19.44 1.14
C SER A 158 -5.38 18.88 -0.20
N MET A 159 -5.49 17.57 -0.39
CA MET A 159 -5.15 16.92 -1.66
C MET A 159 -6.37 16.44 -2.45
N ALA A 160 -7.58 16.61 -1.93
CA ALA A 160 -8.79 16.13 -2.60
C ALA A 160 -9.06 16.90 -3.88
N VAL A 164 -7.81 11.81 -10.25
CA VAL A 164 -7.70 10.73 -9.30
C VAL A 164 -6.84 9.52 -9.77
N GLY A 165 -6.98 9.06 -11.02
CA GLY A 165 -6.11 8.01 -11.55
C GLY A 165 -6.84 7.07 -12.48
N THR A 166 -6.10 6.34 -13.31
CA THR A 166 -6.70 5.41 -14.29
C THR A 166 -6.99 4.01 -13.72
N ARG A 167 -6.50 3.71 -12.52
CA ARG A 167 -6.73 2.42 -11.86
C ARG A 167 -7.12 2.64 -10.41
N SER A 168 -8.33 2.21 -10.05
CA SER A 168 -8.86 2.45 -8.72
C SER A 168 -8.81 1.19 -7.86
N TYR A 169 -8.28 1.34 -6.65
CA TYR A 169 -8.31 0.29 -5.64
C TYR A 169 -9.39 0.61 -4.60
N MET A 170 -10.27 1.55 -4.92
CA MET A 170 -11.36 1.92 -4.01
C MET A 170 -12.48 0.88 -4.05
N SER A 171 -13.10 0.67 -2.91
CA SER A 171 -14.18 -0.31 -2.77
C SER A 171 -15.43 0.23 -3.45
N PRO A 172 -16.38 -0.64 -3.77
CA PRO A 172 -17.66 -0.21 -4.35
C PRO A 172 -18.34 0.87 -3.51
N GLU A 173 -18.42 0.66 -2.20
CA GLU A 173 -19.12 1.59 -1.32
C GLU A 173 -18.48 2.99 -1.28
N ARG A 174 -17.15 3.02 -1.33
CA ARG A 174 -16.42 4.29 -1.31
C ARG A 174 -16.60 5.03 -2.64
N LEU A 175 -16.67 4.27 -3.74
CA LEU A 175 -16.89 4.85 -5.05
C LEU A 175 -18.27 5.48 -5.16
N GLN A 176 -19.25 4.91 -4.45
CA GLN A 176 -20.64 5.35 -4.53
C GLN A 176 -21.02 6.46 -3.55
N GLY A 177 -20.14 6.79 -2.61
CA GLY A 177 -20.41 7.88 -1.69
C GLY A 177 -19.54 7.93 -0.45
N THR A 178 -19.99 8.69 0.54
CA THR A 178 -19.26 8.88 1.79
C THR A 178 -19.52 7.75 2.81
N HIS A 179 -20.39 6.79 2.46
CA HIS A 179 -20.71 5.66 3.34
C HIS A 179 -19.63 4.58 3.26
N TYR A 180 -18.49 4.82 3.91
CA TYR A 180 -17.39 3.86 4.00
C TYR A 180 -16.59 4.02 5.29
N SER A 181 -15.81 2.99 5.62
CA SER A 181 -14.90 3.03 6.76
C SER A 181 -13.82 1.96 6.60
N VAL A 182 -13.48 1.24 7.68
CA VAL A 182 -12.28 0.41 7.72
C VAL A 182 -12.36 -0.79 6.79
N GLN A 183 -13.59 -1.25 6.54
CA GLN A 183 -13.82 -2.39 5.66
C GLN A 183 -13.36 -2.11 4.23
N SER A 184 -13.35 -0.85 3.85
CA SER A 184 -12.89 -0.46 2.51
C SER A 184 -11.42 -0.85 2.26
N ASP A 185 -10.60 -0.79 3.30
CA ASP A 185 -9.20 -1.22 3.21
C ASP A 185 -9.05 -2.70 2.89
N ILE A 186 -9.96 -3.52 3.42
CA ILE A 186 -9.97 -4.94 3.11
C ILE A 186 -10.12 -5.16 1.61
N TRP A 187 -11.08 -4.47 1.00
CA TRP A 187 -11.30 -4.60 -0.44
C TRP A 187 -10.03 -4.24 -1.20
N SER A 188 -9.39 -3.16 -0.80
CA SER A 188 -8.20 -2.66 -1.48
C SER A 188 -7.08 -3.68 -1.44
N MET A 189 -6.88 -4.30 -0.27
CA MET A 189 -5.87 -5.33 -0.10
C MET A 189 -6.15 -6.53 -0.98
N GLY A 190 -7.41 -6.98 -0.97
CA GLY A 190 -7.82 -8.10 -1.77
C GLY A 190 -7.51 -7.91 -3.24
N LEU A 191 -7.89 -6.75 -3.77
CA LEU A 191 -7.62 -6.42 -5.17
C LEU A 191 -6.12 -6.37 -5.45
N SER A 192 -5.37 -5.82 -4.51
CA SER A 192 -3.92 -5.72 -4.64
C SER A 192 -3.31 -7.12 -4.75
N LEU A 193 -3.83 -8.05 -3.95
CA LEU A 193 -3.33 -9.42 -3.92
C LEU A 193 -3.63 -10.18 -5.21
N VAL A 194 -4.83 -10.00 -5.75
CA VAL A 194 -5.18 -10.60 -7.03
C VAL A 194 -4.27 -10.05 -8.12
N GLU A 195 -3.98 -8.75 -8.04
CA GLU A 195 -3.15 -8.09 -9.04
C GLU A 195 -1.74 -8.66 -9.04
N MET A 196 -1.16 -8.79 -7.85
CA MET A 196 0.23 -9.22 -7.73
C MET A 196 0.35 -10.71 -8.02
N ALA A 197 -0.72 -11.46 -7.79
CA ALA A 197 -0.76 -12.88 -8.05
C ALA A 197 -0.79 -13.19 -9.54
N VAL A 198 -1.52 -12.37 -10.29
CA VAL A 198 -1.79 -12.61 -11.71
C VAL A 198 -0.79 -11.90 -12.61
N GLY A 199 -0.25 -10.78 -12.15
CA GLY A 199 0.73 -10.01 -12.90
C GLY A 199 0.17 -8.78 -13.57
N ARG A 200 -1.13 -8.53 -13.39
CA ARG A 200 -1.74 -7.31 -13.92
C ARG A 200 -3.01 -6.92 -13.18
N TYR A 201 -3.38 -5.64 -13.31
CA TYR A 201 -4.58 -5.10 -12.69
C TYR A 201 -5.80 -5.94 -13.10
N PRO A 202 -6.54 -6.47 -12.13
CA PRO A 202 -7.50 -7.55 -12.41
C PRO A 202 -8.88 -7.10 -12.88
N ILE A 203 -9.04 -5.86 -13.31
CA ILE A 203 -10.31 -5.40 -13.87
C ILE A 203 -10.04 -4.69 -15.20
N PRO A 204 -10.67 -5.14 -16.29
CA PRO A 204 -11.63 -6.24 -16.30
C PRO A 204 -10.92 -7.59 -16.16
N PRO A 205 -11.66 -8.66 -15.87
CA PRO A 205 -11.03 -9.97 -15.72
C PRO A 205 -10.56 -10.52 -17.06
N PRO A 206 -9.49 -11.30 -17.05
CA PRO A 206 -8.96 -11.87 -18.30
C PRO A 206 -9.85 -13.01 -18.80
N ASP A 207 -10.06 -13.07 -20.11
CA ASP A 207 -10.78 -14.19 -20.74
C ASP A 207 -9.98 -15.50 -20.64
N ALA A 208 -10.60 -16.61 -21.05
CA ALA A 208 -9.97 -17.93 -20.96
C ALA A 208 -8.66 -18.03 -21.76
N LYS A 209 -8.59 -17.31 -22.88
CA LYS A 209 -7.40 -17.33 -23.75
C LYS A 209 -6.23 -16.55 -23.17
N GLU A 210 -6.53 -15.48 -22.43
CA GLU A 210 -5.51 -14.68 -21.77
C GLU A 210 -4.97 -15.38 -20.52
N LEU A 211 -5.77 -16.29 -19.96
CA LEU A 211 -5.36 -17.12 -18.82
C LEU A 211 -4.46 -18.28 -19.25
N GLU A 212 -4.57 -18.69 -20.51
CA GLU A 212 -3.72 -19.75 -21.06
C GLU A 212 -2.32 -19.21 -21.34
N LEU A 213 -2.25 -17.96 -21.80
CA LEU A 213 -0.98 -17.30 -22.12
C LEU A 213 -0.14 -17.00 -20.88
N MET A 214 -0.81 -16.61 -19.79
CA MET A 214 -0.15 -16.39 -18.51
C MET A 214 0.28 -17.73 -17.92
N PHE A 215 -0.70 -18.61 -17.72
CA PHE A 215 -0.49 -19.93 -17.12
C PHE A 215 -0.67 -21.03 -18.15
N PRO A 246 -7.61 -2.40 -25.66
CA PRO A 246 -7.00 -1.21 -25.06
C PRO A 246 -7.32 -1.06 -23.57
N PRO A 247 -6.76 -0.07 -22.89
CA PRO A 247 -7.11 0.21 -21.49
C PRO A 247 -8.55 0.72 -21.38
N MET A 248 -9.24 0.34 -20.30
CA MET A 248 -10.62 0.78 -20.08
C MET A 248 -10.68 2.28 -19.83
N ALA A 249 -11.79 2.90 -20.23
CA ALA A 249 -12.07 4.28 -19.87
C ALA A 249 -12.41 4.34 -18.39
N ILE A 250 -12.40 5.53 -17.82
CA ILE A 250 -12.51 5.69 -16.37
C ILE A 250 -13.89 5.25 -15.88
N PHE A 251 -14.94 5.74 -16.53
CA PHE A 251 -16.30 5.37 -16.13
C PHE A 251 -16.57 3.88 -16.33
N GLU A 252 -16.13 3.35 -17.46
CA GLU A 252 -16.31 1.94 -17.80
C GLU A 252 -15.72 1.02 -16.69
N LEU A 253 -14.59 1.46 -16.14
CA LEU A 253 -13.87 0.69 -15.12
C LEU A 253 -14.55 0.78 -13.76
N LEU A 254 -14.99 1.99 -13.39
CA LEU A 254 -15.65 2.21 -12.11
C LEU A 254 -17.03 1.58 -12.11
N ASP A 255 -17.67 1.54 -13.27
CA ASP A 255 -18.98 0.89 -13.40
C ASP A 255 -18.84 -0.61 -13.20
N TYR A 256 -17.73 -1.17 -13.65
CA TYR A 256 -17.48 -2.60 -13.46
C TYR A 256 -17.29 -2.92 -11.98
N ILE A 257 -16.59 -2.06 -11.25
CA ILE A 257 -16.32 -2.29 -9.84
C ILE A 257 -17.62 -2.33 -9.02
N VAL A 258 -18.57 -1.43 -9.31
CA VAL A 258 -19.76 -1.29 -8.48
C VAL A 258 -20.92 -2.20 -8.90
N ASN A 259 -21.02 -2.51 -10.19
CA ASN A 259 -22.18 -3.20 -10.77
C ASN A 259 -21.94 -4.63 -11.26
N GLU A 260 -20.68 -4.97 -11.54
CA GLU A 260 -20.34 -6.29 -12.06
C GLU A 260 -19.69 -7.12 -10.96
N PRO A 261 -19.76 -8.44 -11.06
CA PRO A 261 -19.26 -9.30 -9.98
C PRO A 261 -17.77 -9.11 -9.75
N PRO A 262 -17.31 -9.30 -8.52
CA PRO A 262 -15.92 -8.97 -8.14
C PRO A 262 -14.92 -9.94 -8.76
N PRO A 263 -13.68 -9.49 -8.93
CA PRO A 263 -12.64 -10.34 -9.51
C PRO A 263 -12.35 -11.58 -8.65
N LYS A 264 -12.14 -12.70 -9.34
CA LYS A 264 -11.81 -13.95 -8.69
C LYS A 264 -10.36 -14.29 -9.00
N LEU A 265 -9.76 -15.06 -8.10
CA LEU A 265 -8.48 -15.67 -8.40
C LEU A 265 -8.79 -16.88 -9.29
N PRO A 266 -8.06 -17.05 -10.39
CA PRO A 266 -8.37 -18.13 -11.33
C PRO A 266 -8.14 -19.51 -10.71
N SER A 267 -9.01 -20.45 -11.03
CA SER A 267 -8.97 -21.78 -10.42
C SER A 267 -7.81 -22.61 -10.95
N GLY A 268 -7.37 -23.57 -10.14
CA GLY A 268 -6.34 -24.52 -10.53
C GLY A 268 -4.94 -24.14 -10.06
N VAL A 269 -4.43 -23.02 -10.58
CA VAL A 269 -3.04 -22.61 -10.34
C VAL A 269 -2.80 -22.03 -8.93
N PHE A 270 -3.85 -21.62 -8.24
CA PHE A 270 -3.74 -21.17 -6.85
C PHE A 270 -4.49 -22.12 -5.93
N SER A 271 -4.06 -22.19 -4.67
CA SER A 271 -4.67 -23.08 -3.69
C SER A 271 -6.08 -22.63 -3.35
N LEU A 272 -6.89 -23.56 -2.85
CA LEU A 272 -8.28 -23.26 -2.51
C LEU A 272 -8.41 -22.30 -1.32
N GLU A 273 -7.45 -22.35 -0.41
CA GLU A 273 -7.46 -21.48 0.78
C GLU A 273 -7.14 -20.02 0.44
N PHE A 274 -6.29 -19.81 -0.56
CA PHE A 274 -5.94 -18.46 -1.02
C PHE A 274 -7.08 -17.86 -1.82
N GLN A 275 -7.73 -18.68 -2.64
CA GLN A 275 -8.90 -18.25 -3.41
C GLN A 275 -10.03 -17.82 -2.48
N ASP A 276 -10.23 -18.55 -1.39
CA ASP A 276 -11.26 -18.21 -0.41
C ASP A 276 -10.91 -16.91 0.30
N PHE A 277 -9.62 -16.72 0.58
CA PHE A 277 -9.14 -15.54 1.29
C PHE A 277 -9.49 -14.26 0.54
N VAL A 278 -9.14 -14.21 -0.74
CA VAL A 278 -9.40 -13.03 -1.56
C VAL A 278 -10.89 -12.88 -1.85
N ASN A 279 -11.62 -13.99 -1.90
CA ASN A 279 -13.06 -13.96 -2.13
C ASN A 279 -13.76 -13.31 -0.94
N LYS A 280 -13.27 -13.58 0.27
CA LYS A 280 -13.79 -12.97 1.48
C LYS A 280 -13.43 -11.49 1.54
N CYS A 281 -12.29 -11.12 0.96
CA CYS A 281 -11.87 -9.73 0.91
C CYS A 281 -12.66 -8.91 -0.11
N LEU A 282 -13.23 -9.58 -1.12
CA LEU A 282 -13.82 -8.90 -2.27
C LEU A 282 -15.35 -9.00 -2.33
N ILE A 283 -15.97 -9.36 -1.22
CA ILE A 283 -17.43 -9.34 -1.12
C ILE A 283 -17.89 -7.89 -1.20
N LYS A 284 -18.69 -7.58 -2.21
CA LYS A 284 -19.15 -6.21 -2.44
C LYS A 284 -19.76 -5.56 -1.20
N ASN A 285 -20.65 -6.29 -0.54
CA ASN A 285 -21.29 -5.81 0.68
C ASN A 285 -20.23 -5.72 1.79
N PRO A 286 -19.94 -4.52 2.29
CA PRO A 286 -18.89 -4.34 3.30
C PRO A 286 -19.18 -4.95 4.67
N ALA A 287 -20.44 -5.03 5.08
CA ALA A 287 -20.80 -5.71 6.33
C ALA A 287 -20.70 -7.23 6.18
N GLU A 288 -20.99 -7.73 4.99
CA GLU A 288 -20.89 -9.16 4.70
C GLU A 288 -19.42 -9.54 4.54
N ARG A 289 -18.62 -8.57 4.10
CA ARG A 289 -17.19 -8.76 3.83
C ARG A 289 -16.41 -9.02 5.10
N ALA A 290 -15.37 -9.84 4.99
CA ALA A 290 -14.51 -10.16 6.13
C ALA A 290 -13.83 -8.92 6.71
N ASP A 291 -13.67 -8.90 8.03
CA ASP A 291 -12.91 -7.83 8.69
C ASP A 291 -11.56 -8.38 9.14
N LEU A 292 -10.75 -7.52 9.75
CA LEU A 292 -9.38 -7.87 10.09
C LEU A 292 -9.30 -9.05 11.04
N LYS A 293 -10.21 -9.09 12.01
CA LYS A 293 -10.25 -10.17 13.01
C LYS A 293 -10.39 -11.53 12.33
N GLN A 294 -11.35 -11.63 11.42
CA GLN A 294 -11.68 -12.89 10.75
C GLN A 294 -10.57 -13.35 9.81
N LEU A 295 -9.96 -12.41 9.09
CA LEU A 295 -8.89 -12.71 8.16
C LEU A 295 -7.64 -13.19 8.89
N MET A 296 -7.43 -12.71 10.11
CA MET A 296 -6.26 -13.08 10.89
C MET A 296 -6.24 -14.57 11.19
N VAL A 297 -7.42 -15.15 11.41
CA VAL A 297 -7.56 -16.57 11.76
C VAL A 297 -7.95 -17.44 10.56
N HIS A 298 -7.96 -16.85 9.35
CA HIS A 298 -8.29 -17.58 8.13
C HIS A 298 -7.26 -18.68 7.86
N ALA A 299 -7.70 -19.74 7.18
CA ALA A 299 -6.83 -20.88 6.88
C ALA A 299 -5.59 -20.52 6.07
N PHE A 300 -5.70 -19.54 5.16
CA PHE A 300 -4.59 -19.09 4.35
C PHE A 300 -3.48 -18.42 5.18
N ILE A 301 -3.88 -17.66 6.18
CA ILE A 301 -2.92 -16.97 7.05
C ILE A 301 -2.24 -17.96 7.99
N LYS A 302 -3.02 -18.83 8.62
CA LYS A 302 -2.49 -19.87 9.50
C LYS A 302 -1.44 -20.70 8.76
N ARG A 303 -1.73 -21.05 7.51
CA ARG A 303 -0.81 -21.82 6.69
C ARG A 303 0.47 -21.04 6.36
N SER A 304 0.32 -19.76 6.02
CA SER A 304 1.46 -18.92 5.65
C SER A 304 2.33 -18.54 6.85
N ASP A 305 1.71 -18.41 8.01
CA ASP A 305 2.43 -18.26 9.29
C ASP A 305 3.43 -19.40 9.46
N ALA A 306 2.96 -20.61 9.17
CA ALA A 306 3.75 -21.82 9.37
C ALA A 306 4.88 -21.98 8.36
N GLU A 307 4.66 -21.50 7.14
CA GLU A 307 5.60 -21.73 6.04
C GLU A 307 6.95 -21.07 6.27
N GLU A 308 7.99 -21.68 5.71
CA GLU A 308 9.35 -21.19 5.81
C GLU A 308 9.70 -20.54 4.48
N VAL A 309 9.77 -19.22 4.49
CA VAL A 309 10.03 -18.45 3.28
C VAL A 309 11.19 -17.50 3.49
N ASP A 310 12.19 -17.61 2.63
CA ASP A 310 13.28 -16.64 2.58
C ASP A 310 12.80 -15.49 1.69
N PHE A 311 11.99 -14.60 2.27
CA PHE A 311 11.44 -13.47 1.52
C PHE A 311 12.56 -12.50 1.13
N ALA A 312 13.47 -12.27 2.06
CA ALA A 312 14.66 -11.45 1.79
C ALA A 312 15.42 -11.97 0.57
N GLY A 313 15.65 -13.29 0.54
CA GLY A 313 16.39 -13.92 -0.54
C GLY A 313 15.68 -13.90 -1.88
N TRP A 314 14.35 -14.04 -1.86
CA TRP A 314 13.56 -14.02 -3.09
C TRP A 314 13.49 -12.60 -3.65
N LEU A 315 13.39 -11.62 -2.75
CA LEU A 315 13.22 -10.22 -3.12
C LEU A 315 14.47 -9.71 -3.83
N CYS A 316 15.62 -9.95 -3.22
CA CYS A 316 16.90 -9.54 -3.78
C CYS A 316 17.24 -10.28 -5.07
N SER A 317 16.84 -11.55 -5.13
CA SER A 317 17.06 -12.39 -6.30
C SER A 317 16.32 -11.88 -7.55
N THR A 318 15.12 -11.34 -7.36
CA THR A 318 14.27 -10.91 -8.48
C THR A 318 14.54 -9.47 -8.96
N ILE A 319 15.05 -8.62 -8.07
CA ILE A 319 15.31 -7.22 -8.43
C ILE A 319 16.80 -6.87 -8.53
N GLY A 320 17.66 -7.82 -8.14
CA GLY A 320 19.10 -7.63 -8.17
C GLY A 320 19.61 -6.57 -7.19
N LEU A 321 19.89 -6.98 -5.96
CA LEU A 321 20.37 -6.06 -4.93
C LEU A 321 21.52 -6.69 -4.11
N ASN A 322 21.19 -7.65 -3.24
CA ASN A 322 22.17 -8.25 -2.35
C ASN A 322 23.04 -9.27 -3.09
C1 V04 B . -0.17 10.68 2.38
F1 V04 B . 4.30 9.93 3.43
I1 V04 B . 5.01 6.44 7.41
N1 V04 B . -2.35 11.73 5.70
O1 V04 B . 1.83 10.47 1.11
C2 V04 B . -1.51 11.04 2.17
N2 V04 B . -1.39 11.60 6.72
O2 V04 B . 0.55 9.50 -1.04
C3 V04 B . -2.31 11.40 3.23
N3 V04 B . 1.68 10.35 3.83
O3 V04 B . 1.81 11.44 -3.80
C4 V04 B . 0.36 10.68 3.68
N4 V04 B . -0.07 9.85 0.12
C5 V04 B . -0.46 11.08 4.75
C6 V04 B . -1.79 11.41 4.51
C7 V04 B . -0.24 11.18 6.15
C8 V04 B . 2.33 9.47 4.66
C9 V04 B . 1.73 8.77 5.72
C10 V04 B . 2.48 7.91 6.52
C11 V04 B . 3.84 7.73 6.26
C12 V04 B . 4.43 8.41 5.22
C13 V04 B . 3.69 9.28 4.43
C14 V04 B . 0.61 10.32 1.16
C15 V04 B . 0.40 10.37 -2.17
C16 V04 B . 1.68 11.16 -2.41
PG ATP C . 0.14 7.21 -6.13
O1G ATP C . -0.87 7.12 -7.21
O2G ATP C . -0.40 6.60 -4.82
O3G ATP C . 0.45 8.69 -5.87
PB ATP C . 2.67 6.19 -5.52
O1B ATP C . 2.20 5.58 -4.27
O2B ATP C . 3.77 5.36 -6.19
O3B ATP C . 1.46 6.39 -6.57
PA ATP C . 4.16 8.14 -4.09
O1A ATP C . 4.47 9.59 -4.24
O2A ATP C . 3.55 7.87 -2.70
O3A ATP C . 3.14 7.71 -5.26
O5' ATP C . 5.47 7.25 -4.31
C5' ATP C . 6.21 7.22 -5.52
C4' ATP C . 7.20 6.05 -5.48
O4' ATP C . 8.26 6.34 -4.59
C3' ATP C . 6.61 4.72 -5.01
O3' ATP C . 6.10 3.95 -6.08
C2' ATP C . 7.78 4.04 -4.33
O2' ATP C . 8.42 3.15 -5.22
C1' ATP C . 8.73 5.17 -3.95
N9 ATP C . 8.75 5.36 -2.49
C8 ATP C . 7.82 6.00 -1.72
N7 ATP C . 8.23 5.94 -0.43
C5 ATP C . 9.40 5.26 -0.37
C6 ATP C . 10.25 4.93 0.69
N6 ATP C . 9.94 5.22 1.94
N1 ATP C . 11.42 4.22 0.43
C2 ATP C . 11.74 3.86 -0.87
N3 ATP C . 10.88 4.20 -1.91
C4 ATP C . 9.74 4.89 -1.66
MG MG D . 2.31 6.36 -2.14
#